data_4TWC
#
_entry.id   4TWC
#
_cell.length_a   52.040
_cell.length_b   134.721
_cell.length_c   56.845
_cell.angle_alpha   90.000
_cell.angle_beta   99.680
_cell.angle_gamma   90.000
#
_symmetry.space_group_name_H-M   'P 1 21 1'
#
loop_
_entity.id
_entity.type
_entity.pdbx_description
1 polymer 'Casein kinase I isoform delta'
2 non-polymer 'SULFATE ION'
3 non-polymer GLYCEROL
4 non-polymer 'octyl beta-D-glucopyranoside'
5 non-polymer 2-{[2-(trifluoromethoxy)benzoyl]amino}-N-[6-(trifluoromethyl)-1H-benzimidazol-2-yl]-1,3-thiazole-4-carboxamide
6 non-polymer 'DIMETHYL SULFOXIDE'
7 water water
#
_entity_poly.entity_id   1
_entity_poly.type   'polypeptide(L)'
_entity_poly.pdbx_seq_one_letter_code
;MELRVGNRYRLGNKIGSGSFGDIYLGTDIAAGEEVAIKLECVKTKHPQLHIESKIYKMMQGGVGIPTIRWCGAEGDYNVM
VMELLGPSLEDLFNFCSRKFSLKTVLLLADQMISRIEYIHSKNFIHRDVKPDNFLMGLGKKGNLVYIIDFGLAKKYRDAR
THQHIPYRENKNLTGTARYASINTHLGIEQSRRDDLESLGYVLMYFNLGSLPWQGLKAATKRQKYERISEKKMSTPIEVL
CKGYPSEFATYLNFCRSLRFDDKPDYSYLRQLFRNLFHRQGFSYDYVFDWNMLKF
;
_entity_poly.pdbx_strand_id   A,B
#
# COMPACT_ATOMS: atom_id res chain seq x y z
N GLU A 2 -21.41 -1.03 12.62
CA GLU A 2 -20.26 -0.91 13.55
C GLU A 2 -20.09 -2.24 14.24
N LEU A 3 -18.84 -2.73 14.28
CA LEU A 3 -18.53 -4.02 14.87
C LEU A 3 -17.66 -3.80 16.11
N ARG A 4 -18.01 -4.49 17.19
CA ARG A 4 -17.26 -4.37 18.42
C ARG A 4 -16.80 -5.75 18.89
N VAL A 5 -15.60 -5.80 19.45
CA VAL A 5 -15.07 -7.02 20.05
C VAL A 5 -14.58 -6.64 21.42
N GLY A 6 -14.71 -7.58 22.35
CA GLY A 6 -14.27 -7.40 23.72
C GLY A 6 -14.99 -6.32 24.49
N ASN A 7 -16.18 -5.92 24.02
CA ASN A 7 -16.93 -4.81 24.63
CA ASN A 7 -16.93 -4.82 24.62
C ASN A 7 -16.07 -3.55 24.83
N ARG A 8 -14.98 -3.44 24.06
CA ARG A 8 -14.01 -2.35 24.23
C ARG A 8 -13.41 -1.81 22.93
N TYR A 9 -13.42 -2.61 21.89
CA TYR A 9 -12.69 -2.27 20.68
C TYR A 9 -13.61 -2.22 19.50
N ARG A 10 -13.46 -1.17 18.72
CA ARG A 10 -14.17 -1.05 17.47
C ARG A 10 -13.31 -1.72 16.40
N LEU A 11 -13.88 -2.68 15.67
CA LEU A 11 -13.16 -3.37 14.59
C LEU A 11 -13.21 -2.57 13.29
N GLY A 12 -12.04 -2.34 12.69
CA GLY A 12 -11.92 -1.60 11.43
C GLY A 12 -11.54 -2.52 10.30
N ASN A 13 -10.88 -1.95 9.29
CA ASN A 13 -10.56 -2.73 8.10
C ASN A 13 -9.22 -3.51 8.20
N LYS A 14 -9.07 -4.45 7.30
CA LYS A 14 -7.93 -5.35 7.26
C LYS A 14 -6.68 -4.59 6.91
N ILE A 15 -5.63 -4.86 7.69
CA ILE A 15 -4.36 -4.24 7.39
C ILE A 15 -3.31 -5.27 6.99
N GLY A 16 -3.55 -6.56 7.21
CA GLY A 16 -2.61 -7.56 6.75
C GLY A 16 -3.06 -8.98 7.00
N SER A 17 -2.23 -9.90 6.53
CA SER A 17 -2.39 -11.33 6.76
CA SER A 17 -2.44 -11.32 6.79
C SER A 17 -1.53 -11.75 7.95
N GLY A 18 -1.88 -12.87 8.54
CA GLY A 18 -1.12 -13.44 9.63
C GLY A 18 -1.05 -14.89 9.27
N SER A 19 -0.21 -15.64 10.00
CA SER A 19 -0.04 -17.05 9.72
C SER A 19 -1.40 -17.74 9.77
N PHE A 20 -2.11 -17.52 10.87
CA PHE A 20 -3.45 -18.10 11.02
C PHE A 20 -4.32 -16.96 11.54
N GLY A 21 -5.04 -16.32 10.63
CA GLY A 21 -5.90 -15.21 11.01
C GLY A 21 -5.34 -13.91 10.50
N ASP A 22 -6.21 -13.06 9.98
CA ASP A 22 -5.78 -11.79 9.43
C ASP A 22 -5.83 -10.72 10.48
N ILE A 23 -5.20 -9.60 10.15
CA ILE A 23 -4.94 -8.51 11.08
C ILE A 23 -5.80 -7.31 10.65
N TYR A 24 -6.45 -6.66 11.60
CA TYR A 24 -7.37 -5.56 11.34
C TYR A 24 -6.96 -4.40 12.17
N LEU A 25 -7.18 -3.21 11.64
CA LEU A 25 -7.06 -2.02 12.45
C LEU A 25 -8.26 -1.97 13.37
N GLY A 26 -8.07 -1.39 14.55
CA GLY A 26 -9.16 -1.23 15.48
C GLY A 26 -8.94 -0.03 16.32
N THR A 27 -9.97 0.36 17.07
CA THR A 27 -9.86 1.44 18.05
C THR A 27 -10.22 0.96 19.45
N ASP A 28 -9.34 1.27 20.40
CA ASP A 28 -9.62 1.12 21.82
C ASP A 28 -10.51 2.30 22.18
N ILE A 29 -11.78 2.02 22.38
CA ILE A 29 -12.77 3.11 22.49
C ILE A 29 -12.48 3.95 23.73
N ALA A 30 -12.25 3.26 24.84
CA ALA A 30 -11.91 3.94 26.10
C ALA A 30 -10.68 4.84 25.96
N ALA A 31 -9.57 4.28 25.48
CA ALA A 31 -8.32 5.03 25.42
C ALA A 31 -8.22 5.95 24.21
N GLY A 32 -9.18 5.89 23.29
CA GLY A 32 -9.10 6.67 22.06
C GLY A 32 -7.82 6.45 21.25
N GLU A 33 -7.34 5.20 21.25
CA GLU A 33 -6.13 4.82 20.52
C GLU A 33 -6.42 3.66 19.58
N GLU A 34 -5.73 3.65 18.43
CA GLU A 34 -5.82 2.52 17.51
C GLU A 34 -4.97 1.34 18.00
N VAL A 35 -5.39 0.13 17.63
CA VAL A 35 -4.75 -1.10 17.98
C VAL A 35 -4.79 -1.99 16.76
N ALA A 36 -4.04 -3.08 16.80
CA ALA A 36 -4.10 -4.10 15.78
C ALA A 36 -4.89 -5.24 16.38
N ILE A 37 -5.76 -5.84 15.59
CA ILE A 37 -6.62 -6.91 16.05
C ILE A 37 -6.48 -8.11 15.14
N LYS A 38 -6.04 -9.23 15.70
CA LYS A 38 -5.97 -10.46 14.95
C LYS A 38 -7.22 -11.32 15.21
N LEU A 39 -7.82 -11.85 14.15
CA LEU A 39 -9.03 -12.63 14.24
C LEU A 39 -8.83 -13.98 13.58
N GLU A 40 -9.26 -15.02 14.29
CA GLU A 40 -9.23 -16.37 13.77
C GLU A 40 -10.66 -16.89 13.81
N CYS A 41 -11.13 -17.41 12.70
CA CYS A 41 -12.45 -18.04 12.63
C CYS A 41 -12.46 -19.36 13.45
N VAL A 42 -13.52 -19.53 14.24
CA VAL A 42 -13.61 -20.67 15.17
C VAL A 42 -13.81 -21.99 14.41
N LYS A 43 -14.34 -21.90 13.21
CA LYS A 43 -14.54 -23.07 12.37
C LYS A 43 -13.32 -23.40 11.52
N THR A 44 -12.23 -22.66 11.68
CA THR A 44 -10.93 -23.05 11.10
C THR A 44 -10.56 -24.46 11.56
N LYS A 45 -9.88 -25.21 10.70
CA LYS A 45 -9.67 -26.64 10.98
C LYS A 45 -8.80 -26.94 12.22
N HIS A 46 -7.73 -26.18 12.43
CA HIS A 46 -6.91 -26.34 13.65
C HIS A 46 -6.72 -25.00 14.36
N PRO A 47 -7.62 -24.64 15.28
CA PRO A 47 -7.54 -23.33 15.95
C PRO A 47 -6.22 -23.14 16.71
N GLN A 48 -5.54 -22.01 16.48
CA GLN A 48 -4.16 -21.77 16.94
C GLN A 48 -4.01 -20.49 17.77
N LEU A 49 -5.00 -19.61 17.75
CA LEU A 49 -4.76 -18.26 18.22
C LEU A 49 -4.50 -18.25 19.72
N HIS A 50 -5.17 -19.12 20.47
CA HIS A 50 -4.93 -19.11 21.90
C HIS A 50 -3.50 -19.57 22.22
N ILE A 51 -3.02 -20.54 21.46
CA ILE A 51 -1.65 -21.02 21.61
C ILE A 51 -0.67 -19.87 21.29
N GLU A 52 -0.91 -19.22 20.16
CA GLU A 52 -0.04 -18.10 19.75
C GLU A 52 -0.03 -17.01 20.78
N SER A 53 -1.18 -16.67 21.36
CA SER A 53 -1.25 -15.60 22.34
CA SER A 53 -1.27 -15.61 22.35
C SER A 53 -0.45 -15.98 23.58
N LYS A 54 -0.46 -17.27 23.91
CA LYS A 54 0.33 -17.73 25.04
C LYS A 54 1.85 -17.46 24.77
N ILE A 55 2.32 -17.74 23.57
CA ILE A 55 3.69 -17.43 23.19
C ILE A 55 4.02 -15.94 23.30
N TYR A 56 3.17 -15.07 22.74
CA TYR A 56 3.35 -13.65 22.97
C TYR A 56 3.48 -13.29 24.43
N LYS A 57 2.66 -13.91 25.28
CA LYS A 57 2.69 -13.59 26.71
C LYS A 57 4.04 -13.98 27.30
N MET A 58 4.57 -15.12 26.87
CA MET A 58 5.91 -15.60 27.32
C MET A 58 7.08 -14.72 26.81
N MET A 59 6.87 -14.04 25.66
CA MET A 59 7.89 -13.15 25.10
C MET A 59 7.84 -11.73 25.67
N GLN A 60 6.78 -11.38 26.36
CA GLN A 60 6.56 -10.00 26.82
C GLN A 60 7.71 -9.47 27.62
N GLY A 61 7.96 -8.18 27.39
CA GLY A 61 9.03 -7.46 28.06
C GLY A 61 10.30 -7.38 27.23
N GLY A 62 10.42 -8.21 26.19
CA GLY A 62 11.61 -8.19 25.39
C GLY A 62 11.59 -7.01 24.46
N VAL A 63 12.76 -6.55 24.10
CA VAL A 63 12.88 -5.45 23.15
C VAL A 63 12.27 -5.89 21.81
N GLY A 64 11.41 -5.08 21.20
CA GLY A 64 10.93 -5.46 19.88
C GLY A 64 9.91 -6.56 19.87
N ILE A 65 9.26 -6.79 21.01
CA ILE A 65 8.14 -7.72 21.10
C ILE A 65 6.85 -6.91 21.24
N PRO A 66 5.89 -7.17 20.35
CA PRO A 66 4.58 -6.48 20.44
C PRO A 66 3.87 -6.73 21.78
N THR A 67 3.25 -5.69 22.32
CA THR A 67 2.49 -5.81 23.55
C THR A 67 1.08 -6.38 23.31
N ILE A 68 0.68 -7.42 24.04
CA ILE A 68 -0.74 -7.87 24.02
CA ILE A 68 -0.73 -7.88 24.01
C ILE A 68 -1.56 -6.99 24.91
N ARG A 69 -2.71 -6.54 24.42
CA ARG A 69 -3.62 -5.74 25.21
C ARG A 69 -4.80 -6.59 25.75
N TRP A 70 -5.27 -7.55 24.95
CA TRP A 70 -6.42 -8.38 25.30
C TRP A 70 -6.50 -9.57 24.37
N CYS A 71 -6.94 -10.72 24.88
CA CYS A 71 -7.21 -11.90 24.06
CA CYS A 71 -7.25 -11.86 24.03
C CYS A 71 -8.44 -12.59 24.62
N GLY A 72 -9.23 -13.19 23.75
CA GLY A 72 -10.46 -13.86 24.19
C GLY A 72 -11.19 -14.38 22.98
N ALA A 73 -12.13 -15.29 23.21
CA ALA A 73 -12.95 -15.77 22.14
C ALA A 73 -14.29 -15.07 22.27
N GLU A 74 -14.90 -14.80 21.13
CA GLU A 74 -16.18 -14.13 21.04
C GLU A 74 -16.91 -14.66 19.85
N GLY A 75 -17.80 -15.61 20.11
CA GLY A 75 -18.69 -16.20 19.14
C GLY A 75 -17.90 -16.93 18.10
N ASP A 76 -18.06 -16.50 16.85
CA ASP A 76 -17.43 -17.12 15.71
C ASP A 76 -15.94 -16.80 15.53
N TYR A 77 -15.37 -15.93 16.37
CA TYR A 77 -13.93 -15.56 16.29
C TYR A 77 -13.15 -15.60 17.60
N ASN A 78 -11.93 -16.10 17.51
CA ASN A 78 -10.94 -15.91 18.52
C ASN A 78 -10.24 -14.59 18.23
N VAL A 79 -10.02 -13.79 19.25
CA VAL A 79 -9.58 -12.44 19.07
C VAL A 79 -8.30 -12.20 19.87
N MET A 80 -7.31 -11.52 19.25
CA MET A 80 -6.08 -11.11 19.92
CA MET A 80 -6.14 -11.05 19.98
C MET A 80 -5.84 -9.62 19.62
N VAL A 81 -5.87 -8.75 20.63
CA VAL A 81 -5.63 -7.36 20.46
C VAL A 81 -4.21 -6.99 20.90
N MET A 82 -3.50 -6.30 20.01
CA MET A 82 -2.11 -5.91 20.22
C MET A 82 -1.93 -4.43 20.04
N GLU A 83 -0.83 -3.93 20.57
CA GLU A 83 -0.40 -2.54 20.34
CA GLU A 83 -0.51 -2.53 20.31
C GLU A 83 -0.19 -2.43 18.84
N LEU A 84 -0.61 -1.33 18.22
CA LEU A 84 -0.41 -1.16 16.79
C LEU A 84 1.07 -0.89 16.50
N LEU A 85 1.60 -1.53 15.47
CA LEU A 85 2.95 -1.27 15.04
C LEU A 85 2.92 -0.63 13.64
N GLY A 86 4.09 -0.21 13.21
CA GLY A 86 4.29 0.38 11.87
C GLY A 86 4.39 -0.63 10.73
N PRO A 87 4.83 -0.16 9.55
CA PRO A 87 4.88 -1.02 8.38
C PRO A 87 5.87 -2.15 8.52
N SER A 88 5.65 -3.21 7.72
CA SER A 88 6.58 -4.32 7.67
C SER A 88 7.79 -3.98 6.82
N LEU A 89 8.87 -4.73 7.02
CA LEU A 89 10.04 -4.57 6.16
C LEU A 89 9.74 -4.88 4.71
N GLU A 90 8.76 -5.74 4.45
CA GLU A 90 8.33 -6.02 3.06
C GLU A 90 7.62 -4.77 2.47
N ASP A 91 6.73 -4.16 3.26
CA ASP A 91 6.06 -2.88 2.89
C ASP A 91 7.11 -1.81 2.57
N LEU A 92 8.08 -1.70 3.45
CA LEU A 92 9.15 -0.67 3.30
C LEU A 92 10.09 -0.98 2.15
N PHE A 93 10.38 -2.26 1.93
CA PHE A 93 11.16 -2.69 0.77
C PHE A 93 10.49 -2.26 -0.54
N ASN A 94 9.19 -2.50 -0.66
CA ASN A 94 8.41 -2.01 -1.79
C ASN A 94 8.42 -0.50 -1.92
N PHE A 95 8.25 0.21 -0.81
CA PHE A 95 8.32 1.66 -0.85
C PHE A 95 9.65 2.08 -1.43
N CYS A 96 10.71 1.36 -1.07
CA CYS A 96 12.06 1.70 -1.52
C CYS A 96 12.42 1.06 -2.89
N SER A 97 11.43 0.66 -3.69
CA SER A 97 11.68 0.07 -5.03
C SER A 97 12.53 -1.22 -4.99
N ARG A 98 12.32 -1.98 -3.93
CA ARG A 98 12.91 -3.30 -3.79
C ARG A 98 14.43 -3.34 -3.88
N LYS A 99 15.05 -2.37 -3.26
CA LYS A 99 16.48 -2.35 -3.05
C LYS A 99 16.76 -1.52 -1.79
N PHE A 100 17.55 -2.08 -0.87
CA PHE A 100 17.99 -1.34 0.30
C PHE A 100 19.48 -1.08 0.11
N SER A 101 19.92 0.07 0.59
CA SER A 101 21.31 0.40 0.68
C SER A 101 22.02 -0.52 1.65
N LEU A 102 23.33 -0.62 1.52
CA LEU A 102 24.09 -1.40 2.48
C LEU A 102 23.85 -0.93 3.89
N LYS A 103 23.87 0.38 4.14
CA LYS A 103 23.67 0.90 5.50
C LYS A 103 22.37 0.37 6.15
N THR A 104 21.27 0.49 5.39
CA THR A 104 20.00 0.03 5.85
C THR A 104 20.02 -1.45 6.14
N VAL A 105 20.55 -2.24 5.24
CA VAL A 105 20.61 -3.68 5.48
C VAL A 105 21.40 -4.03 6.76
N LEU A 106 22.48 -3.31 7.03
CA LEU A 106 23.28 -3.58 8.21
C LEU A 106 22.60 -3.10 9.48
N LEU A 107 21.99 -1.93 9.42
CA LEU A 107 21.18 -1.47 10.57
C LEU A 107 20.07 -2.49 10.93
N LEU A 108 19.43 -3.01 9.89
CA LEU A 108 18.37 -4.01 10.08
C LEU A 108 18.94 -5.36 10.63
N ALA A 109 20.04 -5.84 10.03
CA ALA A 109 20.66 -7.09 10.45
C ALA A 109 20.96 -7.10 11.96
N ASP A 110 21.50 -5.99 12.45
CA ASP A 110 21.84 -5.89 13.85
C ASP A 110 20.66 -6.16 14.77
N GLN A 111 19.55 -5.49 14.49
CA GLN A 111 18.34 -5.70 15.26
C GLN A 111 17.70 -7.05 15.05
N MET A 112 17.71 -7.52 13.82
CA MET A 112 17.05 -8.78 13.53
C MET A 112 17.74 -9.95 14.19
N ILE A 113 19.08 -9.98 14.17
CA ILE A 113 19.82 -11.02 14.92
C ILE A 113 19.45 -11.00 16.39
N SER A 114 19.39 -9.81 16.99
CA SER A 114 18.97 -9.69 18.36
C SER A 114 17.54 -10.16 18.67
N ARG A 115 16.60 -9.89 17.77
CA ARG A 115 15.23 -10.40 17.96
C ARG A 115 15.20 -11.90 17.96
N ILE A 116 15.93 -12.51 17.03
CA ILE A 116 15.96 -13.96 16.96
C ILE A 116 16.64 -14.56 18.19
N GLU A 117 17.74 -13.96 18.58
CA GLU A 117 18.41 -14.40 19.80
C GLU A 117 17.46 -14.38 21.02
N TYR A 118 16.66 -13.32 21.11
CA TYR A 118 15.73 -13.16 22.25
C TYR A 118 14.69 -14.28 22.28
N ILE A 119 14.09 -14.59 21.13
CA ILE A 119 13.12 -15.68 21.02
C ILE A 119 13.78 -17.01 21.40
N HIS A 120 14.98 -17.25 20.87
CA HIS A 120 15.76 -18.42 21.28
C HIS A 120 16.03 -18.50 22.79
N SER A 121 16.36 -17.37 23.41
CA SER A 121 16.64 -17.29 24.87
C SER A 121 15.45 -17.72 25.72
N LYS A 122 14.25 -17.57 25.19
CA LYS A 122 13.00 -17.95 25.86
C LYS A 122 12.50 -19.33 25.41
N ASN A 123 13.37 -20.07 24.75
CA ASN A 123 13.20 -21.50 24.43
C ASN A 123 12.46 -21.90 23.16
N PHE A 124 12.20 -20.92 22.29
CA PHE A 124 11.45 -21.09 21.06
C PHE A 124 12.30 -20.81 19.85
N ILE A 125 11.99 -21.53 18.79
CA ILE A 125 12.33 -21.14 17.45
C ILE A 125 11.10 -20.54 16.76
N HIS A 126 11.38 -19.57 15.88
CA HIS A 126 10.34 -18.85 15.21
C HIS A 126 9.78 -19.64 14.02
N ARG A 127 10.67 -20.14 13.19
CA ARG A 127 10.38 -20.99 12.00
C ARG A 127 9.79 -20.30 10.75
N ASP A 128 9.65 -18.98 10.77
CA ASP A 128 9.17 -18.25 9.57
C ASP A 128 9.69 -16.83 9.52
N VAL A 129 11.00 -16.75 9.60
CA VAL A 129 11.73 -15.51 9.49
C VAL A 129 11.63 -15.02 8.04
N LYS A 130 10.97 -13.89 7.88
CA LYS A 130 10.71 -13.31 6.57
C LYS A 130 10.43 -11.84 6.79
N PRO A 131 10.61 -11.03 5.73
CA PRO A 131 10.43 -9.59 5.86
C PRO A 131 9.07 -9.17 6.36
N ASP A 132 8.03 -9.89 5.97
CA ASP A 132 6.67 -9.60 6.42
C ASP A 132 6.52 -9.72 7.95
N ASN A 133 7.42 -10.45 8.62
CA ASN A 133 7.30 -10.71 10.04
C ASN A 133 8.16 -9.81 10.92
N PHE A 134 8.71 -8.77 10.31
CA PHE A 134 9.39 -7.72 11.03
C PHE A 134 8.69 -6.41 10.70
N LEU A 135 8.35 -5.63 11.75
CA LEU A 135 7.63 -4.38 11.60
C LEU A 135 8.38 -3.33 12.32
N MET A 136 8.39 -2.12 11.77
CA MET A 136 8.96 -0.99 12.49
C MET A 136 7.95 -0.49 13.51
N GLY A 137 8.45 0.12 14.57
CA GLY A 137 7.61 0.70 15.59
C GLY A 137 7.00 2.03 15.17
N LEU A 138 6.24 2.62 16.08
CA LEU A 138 5.64 3.94 15.84
C LEU A 138 6.18 4.97 16.82
N GLY A 139 6.20 6.22 16.39
CA GLY A 139 6.49 7.33 17.31
C GLY A 139 7.92 7.28 17.78
N LYS A 140 8.10 7.28 19.10
CA LYS A 140 9.44 7.18 19.68
C LYS A 140 10.14 5.84 19.36
N LYS A 141 9.38 4.82 18.94
CA LYS A 141 9.91 3.49 18.57
C LYS A 141 9.97 3.24 17.08
N GLY A 142 9.94 4.32 16.30
CA GLY A 142 9.94 4.21 14.86
C GLY A 142 11.18 3.63 14.24
N ASN A 143 12.31 3.71 14.94
CA ASN A 143 13.54 3.05 14.51
C ASN A 143 13.83 1.70 15.22
N LEU A 144 12.85 1.18 15.95
CA LEU A 144 12.94 -0.16 16.52
CA LEU A 144 12.91 -0.15 16.55
C LEU A 144 12.25 -1.16 15.62
N VAL A 145 12.96 -2.22 15.30
CA VAL A 145 12.42 -3.34 14.55
C VAL A 145 11.77 -4.34 15.53
N TYR A 146 10.51 -4.72 15.25
CA TYR A 146 9.79 -5.69 16.04
C TYR A 146 9.70 -6.97 15.25
N ILE A 147 9.63 -8.10 15.96
CA ILE A 147 9.38 -9.35 15.31
C ILE A 147 7.95 -9.77 15.69
N ILE A 148 7.26 -10.37 14.74
CA ILE A 148 5.89 -10.81 14.97
C ILE A 148 5.64 -12.20 14.45
N ASP A 149 4.46 -12.68 14.83
CA ASP A 149 3.84 -13.86 14.31
C ASP A 149 4.49 -15.09 14.88
N PHE A 150 3.84 -15.65 15.91
CA PHE A 150 4.36 -16.84 16.55
C PHE A 150 3.51 -18.05 16.21
N GLY A 151 2.74 -17.95 15.14
CA GLY A 151 1.86 -19.03 14.67
C GLY A 151 2.57 -20.33 14.31
N LEU A 152 3.85 -20.26 13.95
CA LEU A 152 4.60 -21.47 13.58
C LEU A 152 5.70 -21.77 14.59
N ALA A 153 5.81 -20.96 15.65
CA ALA A 153 6.87 -21.11 16.59
C ALA A 153 6.68 -22.35 17.45
N LYS A 154 7.77 -22.84 18.00
CA LYS A 154 7.71 -23.95 18.91
C LYS A 154 8.95 -24.04 19.75
N LYS A 155 8.80 -24.72 20.89
CA LYS A 155 9.94 -25.01 21.75
C LYS A 155 10.97 -25.87 21.08
N TYR A 156 12.23 -25.50 21.22
CA TYR A 156 13.34 -26.33 20.74
C TYR A 156 14.12 -26.95 21.92
N ARG A 157 13.85 -26.53 23.15
CA ARG A 157 14.51 -27.13 24.31
C ARG A 157 13.60 -27.07 25.53
N ASP A 158 13.89 -27.93 26.49
CA ASP A 158 13.08 -28.00 27.69
C ASP A 158 13.36 -26.78 28.54
N ALA A 159 12.30 -26.17 29.04
CA ALA A 159 12.39 -24.93 29.82
C ALA A 159 13.13 -25.07 31.15
N ARG A 160 13.07 -26.24 31.78
CA ARG A 160 13.89 -26.46 32.98
C ARG A 160 15.30 -26.92 32.77
N THR A 161 15.52 -27.93 31.94
CA THR A 161 16.83 -28.50 31.77
C THR A 161 17.62 -27.95 30.60
N HIS A 162 16.95 -27.19 29.73
CA HIS A 162 17.52 -26.75 28.46
C HIS A 162 18.01 -27.93 27.59
N GLN A 163 17.52 -29.14 27.84
CA GLN A 163 17.80 -30.26 26.91
C GLN A 163 17.12 -30.02 25.54
N HIS A 164 17.94 -30.03 24.49
CA HIS A 164 17.46 -29.79 23.14
C HIS A 164 16.51 -30.87 22.68
N ILE A 165 15.52 -30.51 21.90
CA ILE A 165 14.65 -31.49 21.23
C ILE A 165 15.48 -32.45 20.38
N PRO A 166 14.96 -33.68 20.17
CA PRO A 166 15.70 -34.66 19.39
C PRO A 166 15.76 -34.32 17.93
N TYR A 167 16.87 -34.68 17.32
CA TYR A 167 17.02 -34.61 15.90
C TYR A 167 16.06 -35.60 15.29
N ARG A 168 15.42 -35.19 14.21
CA ARG A 168 14.70 -36.09 13.35
C ARG A 168 14.57 -35.52 11.95
N GLU A 169 14.00 -36.34 11.06
CA GLU A 169 13.85 -36.03 9.66
C GLU A 169 12.42 -36.29 9.25
N ASN A 170 12.17 -36.27 7.94
CA ASN A 170 10.83 -36.44 7.38
C ASN A 170 9.80 -35.39 7.79
N LYS A 171 10.25 -34.20 8.18
CA LYS A 171 9.33 -33.12 8.51
C LYS A 171 8.78 -32.46 7.25
N ASN A 172 7.49 -32.11 7.29
CA ASN A 172 6.91 -31.30 6.22
C ASN A 172 7.46 -29.88 6.32
N LEU A 173 7.45 -29.17 5.20
CA LEU A 173 7.92 -27.78 5.20
C LEU A 173 7.06 -26.93 6.13
N THR A 174 7.71 -26.25 7.06
CA THR A 174 7.08 -25.23 7.90
C THR A 174 7.81 -23.90 7.60
N GLY A 175 7.03 -22.89 7.27
CA GLY A 175 7.57 -21.57 6.89
C GLY A 175 7.61 -21.36 5.39
N THR A 176 8.04 -20.18 4.98
CA THR A 176 8.01 -19.78 3.58
CA THR A 176 8.03 -19.77 3.57
C THR A 176 9.13 -20.47 2.81
N ALA A 177 8.80 -21.10 1.67
CA ALA A 177 9.84 -21.76 0.90
C ALA A 177 10.98 -20.84 0.47
N ARG A 178 10.67 -19.61 0.11
CA ARG A 178 11.70 -18.67 -0.36
C ARG A 178 12.86 -18.50 0.61
N TYR A 179 12.54 -18.41 1.90
CA TYR A 179 13.53 -18.14 2.92
C TYR A 179 13.92 -19.33 3.80
N ALA A 180 13.40 -20.52 3.51
CA ALA A 180 13.67 -21.71 4.33
C ALA A 180 15.16 -22.08 4.25
N SER A 181 15.69 -22.62 5.34
CA SER A 181 17.03 -23.16 5.33
C SER A 181 17.10 -24.40 4.41
N ILE A 182 18.30 -24.72 3.99
CA ILE A 182 18.52 -25.88 3.17
C ILE A 182 18.09 -27.14 3.94
N ASN A 183 18.40 -27.22 5.22
CA ASN A 183 17.96 -28.40 5.99
C ASN A 183 16.47 -28.49 6.16
N THR A 184 15.78 -27.35 6.19
CA THR A 184 14.33 -27.35 6.23
C THR A 184 13.77 -27.96 4.94
N HIS A 185 14.33 -27.59 3.80
CA HIS A 185 13.94 -28.22 2.53
C HIS A 185 14.19 -29.74 2.55
N LEU A 186 15.27 -30.15 3.20
CA LEU A 186 15.59 -31.58 3.33
C LEU A 186 14.75 -32.36 4.35
N GLY A 187 13.79 -31.72 5.00
CA GLY A 187 12.93 -32.41 5.97
C GLY A 187 13.53 -32.59 7.35
N ILE A 188 14.64 -31.90 7.65
CA ILE A 188 15.25 -31.97 8.97
C ILE A 188 14.49 -31.07 9.92
N GLU A 189 14.27 -31.56 11.13
CA GLU A 189 13.66 -30.78 12.23
C GLU A 189 14.39 -29.44 12.35
N GLN A 190 13.64 -28.35 12.42
CA GLN A 190 14.24 -27.03 12.53
C GLN A 190 14.81 -26.79 13.91
N SER A 191 15.85 -25.97 13.99
CA SER A 191 16.43 -25.62 15.26
C SER A 191 16.94 -24.17 15.12
N ARG A 192 17.75 -23.74 16.07
CA ARG A 192 18.15 -22.34 16.12
C ARG A 192 18.90 -21.86 14.84
N ARG A 193 19.79 -22.71 14.33
CA ARG A 193 20.55 -22.38 13.12
C ARG A 193 19.65 -22.04 11.91
N ASP A 194 18.50 -22.69 11.82
CA ASP A 194 17.60 -22.47 10.71
C ASP A 194 16.94 -21.05 10.70
N ASP A 195 16.55 -20.56 11.85
CA ASP A 195 16.10 -19.15 11.96
C ASP A 195 17.18 -18.20 11.46
N LEU A 196 18.42 -18.48 11.85
CA LEU A 196 19.51 -17.62 11.45
C LEU A 196 19.85 -17.74 9.95
N GLU A 197 19.82 -18.94 9.40
CA GLU A 197 20.03 -19.11 8.00
C GLU A 197 18.98 -18.36 7.18
N SER A 198 17.73 -18.48 7.56
CA SER A 198 16.62 -17.75 6.92
C SER A 198 16.87 -16.26 6.93
N LEU A 199 17.28 -15.75 8.08
CA LEU A 199 17.67 -14.35 8.15
C LEU A 199 18.77 -13.97 7.13
N GLY A 200 19.77 -14.84 6.96
CA GLY A 200 20.74 -14.69 5.89
C GLY A 200 20.15 -14.49 4.50
N TYR A 201 19.17 -15.30 4.12
CA TYR A 201 18.48 -15.14 2.86
C TYR A 201 17.68 -13.83 2.80
N VAL A 202 17.05 -13.43 3.92
CA VAL A 202 16.34 -12.16 3.98
C VAL A 202 17.30 -11.00 3.71
N LEU A 203 18.48 -11.02 4.32
CA LEU A 203 19.45 -9.95 4.10
C LEU A 203 19.93 -9.90 2.64
N MET A 204 20.16 -11.05 2.02
CA MET A 204 20.54 -11.08 0.62
C MET A 204 19.41 -10.66 -0.30
N TYR A 205 18.17 -11.05 0.03
CA TYR A 205 16.97 -10.51 -0.64
C TYR A 205 16.94 -9.00 -0.63
N PHE A 206 17.17 -8.42 0.53
CA PHE A 206 17.22 -6.97 0.61
C PHE A 206 18.36 -6.36 -0.23
N ASN A 207 19.54 -7.00 -0.22
CA ASN A 207 20.67 -6.52 -1.05
C ASN A 207 20.40 -6.61 -2.54
N LEU A 208 19.86 -7.76 -2.96
CA LEU A 208 19.75 -8.10 -4.37
C LEU A 208 18.49 -7.55 -5.04
N GLY A 209 17.42 -7.46 -4.27
CA GLY A 209 16.08 -7.15 -4.77
C GLY A 209 15.23 -8.38 -5.02
N SER A 210 15.88 -9.50 -5.30
CA SER A 210 15.20 -10.79 -5.40
C SER A 210 16.24 -11.91 -5.19
N LEU A 211 15.79 -13.12 -4.93
CA LEU A 211 16.72 -14.23 -4.77
C LEU A 211 16.68 -15.11 -6.03
N PRO A 212 17.77 -15.86 -6.27
CA PRO A 212 17.86 -16.68 -7.50
C PRO A 212 16.83 -17.77 -7.65
N TRP A 213 16.20 -18.18 -6.55
CA TRP A 213 15.18 -19.21 -6.57
C TRP A 213 13.78 -18.61 -6.53
N GLN A 214 13.67 -17.29 -6.63
CA GLN A 214 12.37 -16.62 -6.76
C GLN A 214 11.92 -16.68 -8.20
N GLY A 215 10.61 -16.66 -8.42
CA GLY A 215 10.06 -16.57 -9.77
C GLY A 215 10.35 -17.77 -10.63
N LEU A 216 10.36 -18.95 -10.01
CA LEU A 216 10.38 -20.21 -10.76
C LEU A 216 8.91 -20.65 -10.93
N LYS A 217 8.59 -21.30 -12.05
CA LYS A 217 7.20 -21.60 -12.42
C LYS A 217 6.88 -23.11 -12.42
N ALA A 218 5.61 -23.44 -12.21
CA ALA A 218 5.11 -24.82 -12.27
C ALA A 218 3.57 -24.82 -12.33
N THR A 220 2.57 -29.51 -9.59
CA THR A 220 1.80 -30.64 -9.16
C THR A 220 1.50 -30.55 -7.65
N LYS A 221 2.19 -31.32 -6.81
CA LYS A 221 1.91 -31.37 -5.35
C LYS A 221 2.91 -30.73 -4.32
N ARG A 222 3.99 -30.02 -4.70
CA ARG A 222 4.23 -29.57 -6.06
C ARG A 222 5.68 -29.34 -6.50
N GLN A 223 5.81 -29.25 -7.82
CA GLN A 223 7.07 -29.13 -8.49
C GLN A 223 7.72 -27.76 -8.19
N LYS A 224 6.88 -26.76 -7.91
CA LYS A 224 7.36 -25.44 -7.53
C LYS A 224 8.27 -25.51 -6.29
N TYR A 225 7.82 -26.08 -5.17
CA TYR A 225 8.69 -26.20 -3.99
C TYR A 225 9.93 -27.00 -4.29
N GLU A 226 9.83 -28.05 -5.10
CA GLU A 226 11.01 -28.86 -5.44
C GLU A 226 12.01 -28.06 -6.26
N ARG A 227 11.51 -27.22 -7.15
CA ARG A 227 12.38 -26.37 -7.98
C ARG A 227 13.10 -25.30 -7.15
N ILE A 228 12.37 -24.72 -6.19
CA ILE A 228 12.96 -23.79 -5.21
C ILE A 228 14.08 -24.48 -4.42
N SER A 229 13.76 -25.63 -3.81
CA SER A 229 14.73 -26.37 -3.04
C SER A 229 15.98 -26.69 -3.86
N GLU A 230 15.79 -27.26 -5.05
CA GLU A 230 16.91 -27.63 -5.92
C GLU A 230 17.78 -26.40 -6.27
N LYS A 231 17.14 -25.32 -6.68
CA LYS A 231 17.87 -24.12 -7.05
C LYS A 231 18.66 -23.51 -5.85
N LYS A 232 18.01 -23.47 -4.68
CA LYS A 232 18.65 -22.90 -3.52
C LYS A 232 19.87 -23.75 -3.13
N MET A 233 19.67 -25.07 -3.12
CA MET A 233 20.68 -26.00 -2.67
C MET A 233 21.93 -26.00 -3.58
N SER A 234 21.74 -25.69 -4.86
CA SER A 234 22.83 -25.70 -5.81
C SER A 234 23.39 -24.33 -6.14
N THR A 235 22.92 -23.27 -5.50
CA THR A 235 23.48 -21.94 -5.79
C THR A 235 24.67 -21.74 -4.90
N PRO A 236 25.86 -21.58 -5.51
CA PRO A 236 27.04 -21.31 -4.71
C PRO A 236 26.88 -20.02 -3.89
N ILE A 237 27.30 -20.06 -2.63
CA ILE A 237 27.25 -18.85 -1.78
C ILE A 237 27.96 -17.69 -2.46
N GLU A 238 29.08 -17.97 -3.12
CA GLU A 238 29.86 -16.88 -3.72
C GLU A 238 29.18 -16.26 -4.93
N VAL A 239 28.33 -17.02 -5.60
CA VAL A 239 27.49 -16.48 -6.67
C VAL A 239 26.31 -15.69 -6.11
N LEU A 240 25.62 -16.28 -5.15
CA LEU A 240 24.54 -15.58 -4.45
C LEU A 240 25.02 -14.18 -3.98
N CYS A 241 26.21 -14.10 -3.40
CA CYS A 241 26.64 -12.90 -2.67
C CYS A 241 27.61 -12.00 -3.46
N LYS A 242 27.87 -12.36 -4.71
CA LYS A 242 28.77 -11.56 -5.56
C LYS A 242 28.28 -10.14 -5.62
N GLY A 243 29.20 -9.22 -5.43
CA GLY A 243 28.89 -7.78 -5.47
C GLY A 243 28.60 -7.17 -4.12
N TYR A 244 28.68 -7.96 -3.06
CA TYR A 244 28.34 -7.49 -1.71
C TYR A 244 29.45 -7.87 -0.83
N PRO A 245 29.63 -7.14 0.28
CA PRO A 245 30.74 -7.44 1.18
C PRO A 245 30.76 -8.91 1.62
N SER A 246 31.98 -9.41 1.85
CA SER A 246 32.21 -10.81 2.16
C SER A 246 31.45 -11.27 3.40
N GLU A 247 31.14 -10.33 4.29
CA GLU A 247 30.42 -10.66 5.52
C GLU A 247 29.11 -11.38 5.32
N PHE A 248 28.42 -11.13 4.20
CA PHE A 248 27.14 -11.80 3.92
C PHE A 248 27.37 -13.28 3.64
N ALA A 249 28.44 -13.62 2.89
CA ALA A 249 28.77 -15.01 2.62
C ALA A 249 29.33 -15.65 3.91
N THR A 250 30.10 -14.91 4.69
CA THR A 250 30.62 -15.44 5.95
C THR A 250 29.46 -15.79 6.92
N TYR A 251 28.49 -14.90 7.02
CA TYR A 251 27.30 -15.13 7.78
C TYR A 251 26.58 -16.41 7.36
N LEU A 252 26.30 -16.53 6.06
CA LEU A 252 25.59 -17.70 5.55
C LEU A 252 26.36 -19.01 5.74
N ASN A 253 27.65 -19.03 5.42
CA ASN A 253 28.49 -20.23 5.67
C ASN A 253 28.50 -20.62 7.16
N PHE A 254 28.62 -19.63 8.04
CA PHE A 254 28.56 -19.88 9.48
C PHE A 254 27.27 -20.57 9.91
N CYS A 255 26.13 -20.02 9.48
CA CYS A 255 24.86 -20.58 9.85
C CYS A 255 24.69 -21.98 9.29
N ARG A 256 25.09 -22.17 8.05
CA ARG A 256 25.01 -23.48 7.43
C ARG A 256 25.86 -24.54 8.05
N SER A 257 26.95 -24.13 8.70
CA SER A 257 27.88 -25.05 9.32
CA SER A 257 27.89 -25.05 9.32
C SER A 257 27.52 -25.39 10.77
N LEU A 258 26.52 -24.72 11.34
CA LEU A 258 26.09 -25.04 12.70
C LEU A 258 25.52 -26.45 12.77
N ARG A 259 25.81 -27.17 13.85
CA ARG A 259 25.20 -28.48 14.07
C ARG A 259 23.82 -28.27 14.62
N PHE A 260 23.01 -29.30 14.49
CA PHE A 260 21.60 -29.27 14.85
C PHE A 260 21.33 -28.64 16.21
N ASP A 261 22.04 -29.09 17.24
CA ASP A 261 21.79 -28.57 18.59
C ASP A 261 22.72 -27.46 19.02
N ASP A 262 23.56 -26.96 18.13
CA ASP A 262 24.52 -25.91 18.52
C ASP A 262 23.86 -24.60 18.96
N LYS A 263 24.42 -23.99 19.98
CA LYS A 263 24.04 -22.61 20.31
C LYS A 263 24.79 -21.68 19.36
N PRO A 264 24.08 -20.89 18.55
CA PRO A 264 24.78 -19.97 17.64
C PRO A 264 25.58 -18.91 18.40
N ASP A 265 26.71 -18.50 17.85
CA ASP A 265 27.41 -17.35 18.38
C ASP A 265 26.80 -16.07 17.81
N TYR A 266 25.73 -15.62 18.46
CA TYR A 266 24.98 -14.43 17.99
C TYR A 266 25.84 -13.16 18.00
N SER A 267 26.67 -13.04 19.02
CA SER A 267 27.61 -11.91 19.16
CA SER A 267 27.56 -11.89 19.13
C SER A 267 28.59 -11.84 18.00
N TYR A 268 29.16 -12.98 17.64
CA TYR A 268 30.04 -13.06 16.48
C TYR A 268 29.35 -12.54 15.20
N LEU A 269 28.10 -12.97 14.99
CA LEU A 269 27.34 -12.62 13.81
C LEU A 269 27.00 -11.15 13.81
N ARG A 270 26.60 -10.61 14.97
CA ARG A 270 26.35 -9.18 15.04
C ARG A 270 27.64 -8.40 14.79
N GLN A 271 28.72 -8.84 15.42
CA GLN A 271 30.01 -8.15 15.22
C GLN A 271 30.53 -8.16 13.78
N LEU A 272 30.32 -9.26 13.06
CA LEU A 272 30.62 -9.30 11.63
C LEU A 272 30.04 -8.08 10.90
N PHE A 273 28.73 -7.87 11.05
CA PHE A 273 28.08 -6.76 10.40
C PHE A 273 28.39 -5.39 11.01
N ARG A 274 28.57 -5.32 12.33
CA ARG A 274 28.91 -4.06 12.97
C ARG A 274 30.28 -3.57 12.56
N ASN A 275 31.23 -4.51 12.46
CA ASN A 275 32.59 -4.14 12.08
C ASN A 275 32.58 -3.60 10.66
N LEU A 276 31.83 -4.25 9.77
CA LEU A 276 31.66 -3.79 8.42
C LEU A 276 31.07 -2.38 8.42
N PHE A 277 30.01 -2.19 9.21
CA PHE A 277 29.31 -0.91 9.30
C PHE A 277 30.28 0.21 9.59
N HIS A 278 31.12 0.01 10.60
CA HIS A 278 32.07 1.03 11.00
C HIS A 278 33.30 1.16 10.06
N ARG A 279 33.74 0.07 9.45
CA ARG A 279 34.74 0.11 8.41
C ARG A 279 34.27 0.96 7.21
N GLN A 280 32.98 0.91 6.91
CA GLN A 280 32.46 1.61 5.78
C GLN A 280 32.34 3.10 6.09
N GLY A 281 32.50 3.46 7.36
CA GLY A 281 32.28 4.83 7.82
C GLY A 281 30.81 5.31 7.81
N PHE A 282 29.85 4.40 7.92
CA PHE A 282 28.45 4.79 8.16
C PHE A 282 28.28 5.40 9.55
N SER A 283 27.36 6.34 9.71
CA SER A 283 26.96 6.83 11.06
C SER A 283 25.78 6.03 11.56
N TYR A 284 25.84 5.58 12.82
CA TYR A 284 24.77 4.73 13.40
C TYR A 284 23.69 5.67 13.95
N ASP A 285 22.96 6.27 13.00
CA ASP A 285 22.02 7.33 13.29
C ASP A 285 20.56 6.94 13.03
N TYR A 286 20.34 5.66 12.75
CA TYR A 286 19.02 5.15 12.44
C TYR A 286 18.30 5.89 11.30
N VAL A 287 19.08 6.42 10.37
CA VAL A 287 18.53 6.99 9.16
C VAL A 287 18.46 5.87 8.10
N PHE A 288 17.27 5.27 7.98
CA PHE A 288 17.02 4.18 7.05
C PHE A 288 16.65 4.77 5.70
N ASP A 289 16.63 3.90 4.68
CA ASP A 289 16.26 4.34 3.31
C ASP A 289 14.88 5.02 3.23
N TRP A 290 13.98 4.69 4.14
CA TRP A 290 12.61 5.23 4.13
C TRP A 290 12.43 6.45 5.06
N ASN A 291 13.52 7.09 5.44
CA ASN A 291 13.53 8.10 6.49
C ASN A 291 12.62 9.30 6.21
N MET A 292 12.36 9.55 4.94
CA MET A 292 11.44 10.63 4.57
C MET A 292 9.99 10.35 5.02
N LEU A 293 9.64 9.08 5.24
CA LEU A 293 8.36 8.72 5.86
C LEU A 293 8.42 9.00 7.33
N LYS A 294 7.46 9.75 7.83
CA LYS A 294 7.45 10.12 9.25
C LYS A 294 6.34 9.36 10.01
N PHE A 295 6.57 8.09 10.32
CA PHE A 295 5.68 7.32 11.20
C PHE A 295 6.30 7.13 12.59
N MET B 1 24.22 9.48 -1.74
CA MET B 1 24.36 10.86 -2.25
C MET B 1 23.02 11.61 -2.28
N GLU B 2 23.05 12.86 -1.85
CA GLU B 2 21.88 13.69 -1.69
C GLU B 2 21.66 14.56 -2.93
N LEU B 3 20.46 14.52 -3.50
CA LEU B 3 20.14 15.25 -4.71
C LEU B 3 19.09 16.30 -4.37
N ARG B 4 19.45 17.57 -4.55
CA ARG B 4 18.54 18.68 -4.33
C ARG B 4 18.16 19.32 -5.68
N VAL B 5 16.86 19.44 -5.94
CA VAL B 5 16.41 20.13 -7.16
C VAL B 5 15.83 21.47 -6.78
N GLY B 6 15.91 22.44 -7.67
CA GLY B 6 15.40 23.79 -7.37
C GLY B 6 16.09 24.38 -6.15
N ASN B 7 17.34 24.00 -5.99
CA ASN B 7 18.17 24.20 -4.79
C ASN B 7 17.50 24.09 -3.42
N ARG B 8 16.30 23.51 -3.38
CA ARG B 8 15.49 23.58 -2.21
C ARG B 8 14.81 22.23 -1.86
N TYR B 9 14.73 21.29 -2.81
CA TYR B 9 13.92 20.07 -2.61
C TYR B 9 14.77 18.82 -2.70
N ARG B 10 14.82 18.07 -1.62
CA ARG B 10 15.49 16.81 -1.62
C ARG B 10 14.63 15.76 -2.23
N LEU B 11 15.17 15.07 -3.20
CA LEU B 11 14.44 14.03 -3.91
C LEU B 11 14.49 12.70 -3.12
N GLY B 12 13.33 12.06 -2.99
CA GLY B 12 13.17 10.79 -2.24
C GLY B 12 12.66 9.69 -3.12
N ASN B 13 11.88 8.77 -2.57
CA ASN B 13 11.47 7.57 -3.34
C ASN B 13 10.25 7.80 -4.20
N LYS B 14 10.07 6.92 -5.17
CA LYS B 14 8.86 6.89 -6.01
C LYS B 14 7.61 6.51 -5.23
N ILE B 15 6.52 7.24 -5.44
CA ILE B 15 5.27 7.00 -4.73
C ILE B 15 4.10 6.78 -5.69
N GLY B 16 4.34 6.85 -6.99
CA GLY B 16 3.25 6.74 -7.95
C GLY B 16 3.66 7.04 -9.37
N SER B 17 2.69 6.89 -10.26
CA SER B 17 2.85 7.29 -11.65
C SER B 17 1.59 8.05 -12.04
N GLY B 18 1.71 8.90 -13.05
CA GLY B 18 0.56 9.59 -13.63
C GLY B 18 0.34 9.13 -15.04
N SER B 19 -0.49 9.85 -15.78
CA SER B 19 -0.75 9.48 -17.15
C SER B 19 0.59 9.45 -17.92
N PHE B 20 1.48 10.37 -17.58
CA PHE B 20 2.89 10.28 -17.99
C PHE B 20 3.72 10.62 -16.75
N GLY B 21 5.01 10.33 -16.78
CA GLY B 21 5.91 10.70 -15.71
C GLY B 21 5.76 9.89 -14.43
N ASP B 22 6.65 10.19 -13.50
CA ASP B 22 6.69 9.45 -12.25
C ASP B 22 6.64 10.47 -11.13
N ILE B 23 5.98 10.07 -10.04
CA ILE B 23 5.82 10.90 -8.84
C ILE B 23 6.74 10.40 -7.73
N TYR B 24 7.50 11.31 -7.13
CA TYR B 24 8.44 11.00 -6.05
C TYR B 24 8.09 11.81 -4.83
N LEU B 25 8.33 11.22 -3.68
CA LEU B 25 8.30 11.98 -2.45
C LEU B 25 9.54 12.85 -2.37
N GLY B 26 9.40 14.05 -1.81
CA GLY B 26 10.55 14.90 -1.60
C GLY B 26 10.35 15.72 -0.37
N THR B 27 11.39 16.46 0.00
CA THR B 27 11.41 17.33 1.15
C THR B 27 11.78 18.73 0.77
N ASP B 28 10.89 19.65 1.12
CA ASP B 28 11.18 21.07 1.02
C ASP B 28 12.07 21.36 2.23
N ILE B 29 13.36 21.45 2.00
CA ILE B 29 14.35 21.54 3.08
C ILE B 29 14.17 22.81 3.90
N ALA B 30 13.91 23.94 3.24
CA ALA B 30 13.69 25.21 3.92
C ALA B 30 12.38 25.28 4.71
N ALA B 31 11.39 24.48 4.35
CA ALA B 31 10.11 24.44 5.09
C ALA B 31 10.03 23.29 6.10
N GLY B 32 10.91 22.31 6.00
CA GLY B 32 10.78 21.08 6.75
C GLY B 32 9.43 20.41 6.45
N GLU B 33 9.04 20.38 5.18
CA GLU B 33 7.77 19.78 4.75
C GLU B 33 8.03 18.88 3.58
N GLU B 34 7.31 17.77 3.49
CA GLU B 34 7.36 16.92 2.32
C GLU B 34 6.54 17.52 1.17
N VAL B 35 6.85 17.11 -0.06
CA VAL B 35 6.28 17.57 -1.30
C VAL B 35 6.19 16.36 -2.21
N ALA B 36 5.46 16.50 -3.29
CA ALA B 36 5.46 15.52 -4.38
C ALA B 36 6.23 16.10 -5.53
N ILE B 37 7.04 15.27 -6.20
CA ILE B 37 7.91 15.69 -7.28
C ILE B 37 7.60 14.85 -8.49
N LYS B 38 7.10 15.51 -9.55
CA LYS B 38 6.88 14.81 -10.79
C LYS B 38 8.04 15.02 -11.73
N LEU B 39 8.45 13.95 -12.38
CA LEU B 39 9.64 13.95 -13.24
C LEU B 39 9.29 13.39 -14.60
N GLU B 40 9.82 14.03 -15.63
CA GLU B 40 9.69 13.60 -17.02
C GLU B 40 11.07 13.68 -17.69
N CYS B 41 11.42 12.69 -18.50
CA CYS B 41 12.65 12.71 -19.29
CA CYS B 41 12.65 12.72 -19.28
C CYS B 41 12.62 13.82 -20.33
N VAL B 42 13.64 14.67 -20.37
CA VAL B 42 13.70 15.76 -21.36
C VAL B 42 13.55 15.26 -22.79
N LYS B 43 14.17 14.12 -23.05
CA LYS B 43 14.22 13.46 -24.36
C LYS B 43 12.99 12.60 -24.67
N THR B 44 11.98 12.62 -23.82
CA THR B 44 10.76 11.88 -24.14
C THR B 44 10.19 12.25 -25.53
N LYS B 45 9.57 11.27 -26.18
CA LYS B 45 8.94 11.46 -27.48
C LYS B 45 7.85 12.54 -27.48
N HIS B 46 7.07 12.62 -26.42
CA HIS B 46 5.97 13.58 -26.35
C HIS B 46 6.03 14.40 -25.05
N PRO B 47 6.84 15.47 -25.03
CA PRO B 47 6.97 16.33 -23.86
C PRO B 47 5.59 16.82 -23.41
N GLN B 48 5.27 16.61 -22.14
CA GLN B 48 3.98 16.99 -21.58
C GLN B 48 4.07 17.75 -20.26
N LEU B 49 5.19 17.68 -19.56
CA LEU B 49 5.19 18.22 -18.21
C LEU B 49 5.05 19.74 -18.16
N HIS B 50 5.73 20.45 -19.07
CA HIS B 50 5.59 21.89 -19.20
C HIS B 50 4.12 22.29 -19.41
N ILE B 51 3.46 21.60 -20.33
CA ILE B 51 2.07 21.85 -20.62
C ILE B 51 1.20 21.60 -19.38
N GLU B 52 1.40 20.47 -18.71
CA GLU B 52 0.61 20.15 -17.51
C GLU B 52 0.85 21.19 -16.41
N SER B 53 2.11 21.63 -16.25
CA SER B 53 2.46 22.63 -15.23
CA SER B 53 2.49 22.62 -15.24
C SER B 53 1.72 23.94 -15.45
N LYS B 54 1.59 24.35 -16.71
CA LYS B 54 0.84 25.57 -17.00
C LYS B 54 -0.63 25.42 -16.65
N ILE B 55 -1.20 24.24 -16.87
CA ILE B 55 -2.59 23.99 -16.45
C ILE B 55 -2.71 24.11 -14.95
N TYR B 56 -1.78 23.48 -14.20
CA TYR B 56 -1.84 23.63 -12.76
C TYR B 56 -1.68 25.08 -12.33
N LYS B 57 -0.77 25.80 -12.99
CA LYS B 57 -0.59 27.23 -12.70
C LYS B 57 -1.88 28.02 -12.89
N MET B 58 -2.53 27.78 -14.00
CA MET B 58 -3.79 28.42 -14.30
C MET B 58 -4.93 28.09 -13.28
N MET B 59 -4.94 26.84 -12.81
CA MET B 59 -5.97 26.32 -11.89
C MET B 59 -5.71 26.74 -10.45
N GLN B 60 -4.55 27.35 -10.17
CA GLN B 60 -4.13 27.59 -8.80
C GLN B 60 -5.11 28.40 -8.02
N GLY B 61 -5.26 28.04 -6.76
CA GLY B 61 -6.17 28.74 -5.89
C GLY B 61 -7.59 28.23 -5.97
N GLY B 62 -7.89 27.34 -6.93
CA GLY B 62 -9.17 26.67 -6.89
C GLY B 62 -9.21 25.72 -5.70
N VAL B 63 -10.38 25.53 -5.11
CA VAL B 63 -10.53 24.62 -3.97
C VAL B 63 -10.17 23.22 -4.48
N GLY B 64 -9.35 22.51 -3.72
CA GLY B 64 -8.99 21.14 -4.11
C GLY B 64 -8.16 20.95 -5.34
N ILE B 65 -7.36 21.97 -5.67
CA ILE B 65 -6.35 21.89 -6.70
C ILE B 65 -5.02 21.92 -5.99
N PRO B 66 -4.15 20.95 -6.24
CA PRO B 66 -2.85 21.02 -5.53
C PRO B 66 -2.01 22.21 -5.97
N THR B 67 -1.31 22.82 -5.04
CA THR B 67 -0.49 23.96 -5.33
C THR B 67 0.85 23.57 -5.99
N ILE B 68 1.22 24.19 -7.12
CA ILE B 68 2.54 24.02 -7.74
CA ILE B 68 2.55 23.98 -7.70
C ILE B 68 3.49 24.88 -6.95
N ARG B 69 4.60 24.31 -6.51
CA ARG B 69 5.61 24.99 -5.72
CA ARG B 69 5.61 25.00 -5.73
C ARG B 69 6.77 25.45 -6.61
N TRP B 70 7.14 24.64 -7.59
CA TRP B 70 8.31 24.95 -8.44
C TRP B 70 8.29 24.10 -9.68
N CYS B 71 8.77 24.64 -10.78
CA CYS B 71 9.11 23.77 -11.90
C CYS B 71 10.33 24.27 -12.63
N GLY B 72 10.98 23.35 -13.32
CA GLY B 72 12.25 23.65 -13.94
C GLY B 72 12.79 22.42 -14.57
N ALA B 73 13.91 22.56 -15.29
CA ALA B 73 14.61 21.43 -15.82
C ALA B 73 15.82 21.26 -14.97
N GLU B 74 16.16 20.02 -14.69
CA GLU B 74 17.33 19.66 -13.93
C GLU B 74 17.94 18.45 -14.59
N GLY B 75 19.22 18.53 -14.94
CA GLY B 75 19.89 17.36 -15.53
C GLY B 75 19.15 16.93 -16.78
N ASP B 76 18.89 15.64 -16.91
CA ASP B 76 18.10 15.13 -18.03
C ASP B 76 16.57 15.13 -17.80
N TYR B 77 16.08 15.91 -16.82
CA TYR B 77 14.66 15.82 -16.42
C TYR B 77 13.96 17.15 -16.37
N ASN B 78 12.68 17.15 -16.74
CA ASN B 78 11.77 18.24 -16.38
C ASN B 78 11.19 17.91 -15.02
N VAL B 79 11.07 18.91 -14.18
CA VAL B 79 10.67 18.70 -12.80
C VAL B 79 9.50 19.62 -12.44
N MET B 80 8.49 19.04 -11.78
CA MET B 80 7.38 19.81 -11.22
C MET B 80 7.14 19.41 -9.80
N VAL B 81 7.28 20.37 -8.88
CA VAL B 81 7.16 20.11 -7.50
C VAL B 81 5.82 20.67 -7.03
N MET B 82 5.05 19.82 -6.36
CA MET B 82 3.67 20.10 -5.89
C MET B 82 3.55 19.86 -4.41
N GLU B 83 2.61 20.56 -3.79
CA GLU B 83 2.06 20.23 -2.50
C GLU B 83 1.78 18.74 -2.41
N LEU B 84 2.21 18.11 -1.34
CA LEU B 84 1.92 16.70 -1.12
C LEU B 84 0.48 16.50 -0.63
N LEU B 85 -0.18 15.55 -1.25
CA LEU B 85 -1.55 15.18 -0.87
C LEU B 85 -1.56 13.79 -0.27
N GLY B 86 -2.72 13.42 0.24
CA GLY B 86 -2.94 12.14 0.86
C GLY B 86 -3.31 11.05 -0.11
N PRO B 87 -3.91 9.97 0.42
CA PRO B 87 -4.21 8.80 -0.41
C PRO B 87 -5.29 9.08 -1.46
N SER B 88 -5.23 8.36 -2.55
CA SER B 88 -6.28 8.43 -3.53
C SER B 88 -7.56 7.72 -3.06
N LEU B 89 -8.66 8.04 -3.74
CA LEU B 89 -9.89 7.33 -3.50
C LEU B 89 -9.80 5.85 -3.90
N GLU B 90 -8.97 5.51 -4.89
CA GLU B 90 -8.77 4.10 -5.22
C GLU B 90 -8.07 3.39 -4.01
N ASP B 91 -7.01 4.02 -3.48
CA ASP B 91 -6.30 3.53 -2.27
C ASP B 91 -7.29 3.34 -1.11
N LEU B 92 -8.08 4.37 -0.84
CA LEU B 92 -9.06 4.30 0.23
C LEU B 92 -10.16 3.27 -0.02
N PHE B 93 -10.65 3.15 -1.23
CA PHE B 93 -11.63 2.14 -1.58
C PHE B 93 -11.07 0.75 -1.31
N ASN B 94 -9.80 0.53 -1.69
CA ASN B 94 -9.14 -0.74 -1.37
C ASN B 94 -8.99 -1.02 0.09
N PHE B 95 -8.61 -0.01 0.86
CA PHE B 95 -8.52 -0.13 2.31
C PHE B 95 -9.85 -0.49 2.94
N CYS B 96 -10.92 0.09 2.40
CA CYS B 96 -12.28 -0.22 2.89
C CYS B 96 -12.92 -1.44 2.26
N SER B 97 -12.11 -2.32 1.70
CA SER B 97 -12.55 -3.58 1.09
C SER B 97 -13.53 -3.41 -0.04
N ARG B 98 -13.32 -2.36 -0.83
CA ARG B 98 -14.05 -2.12 -2.05
C ARG B 98 -15.55 -2.02 -1.83
N LYS B 99 -15.93 -1.39 -0.75
CA LYS B 99 -17.26 -0.84 -0.69
C LYS B 99 -17.26 0.37 0.23
N PHE B 100 -17.97 1.37 -0.21
CA PHE B 100 -18.17 2.56 0.59
C PHE B 100 -19.66 2.62 1.01
N SER B 101 -19.93 3.17 2.19
CA SER B 101 -21.27 3.45 2.64
C SER B 101 -21.91 4.57 1.79
N LEU B 102 -23.23 4.63 1.80
CA LEU B 102 -23.92 5.62 1.04
C LEU B 102 -23.49 6.98 1.49
N LYS B 103 -23.30 7.17 2.78
CA LYS B 103 -22.94 8.48 3.29
C LYS B 103 -21.59 8.95 2.69
N THR B 104 -20.62 8.05 2.67
CA THR B 104 -19.31 8.38 2.10
C THR B 104 -19.42 8.68 0.61
N VAL B 105 -20.16 7.83 -0.13
CA VAL B 105 -20.37 8.07 -1.57
C VAL B 105 -21.01 9.43 -1.85
N LEU B 106 -22.01 9.82 -1.05
CA LEU B 106 -22.63 11.13 -1.21
C LEU B 106 -21.72 12.30 -0.82
N LEU B 107 -20.96 12.16 0.26
CA LEU B 107 -20.02 13.23 0.63
C LEU B 107 -18.97 13.39 -0.47
N LEU B 108 -18.48 12.28 -1.02
CA LEU B 108 -17.53 12.32 -2.12
C LEU B 108 -18.15 12.94 -3.38
N ALA B 109 -19.35 12.48 -3.75
CA ALA B 109 -20.08 13.03 -4.93
C ALA B 109 -20.15 14.53 -4.92
N ASP B 110 -20.47 15.09 -3.78
CA ASP B 110 -20.65 16.52 -3.70
C ASP B 110 -19.41 17.26 -4.09
N GLN B 111 -18.32 16.85 -3.45
CA GLN B 111 -17.04 17.45 -3.76
C GLN B 111 -16.54 17.16 -5.15
N MET B 112 -16.74 15.94 -5.63
CA MET B 112 -16.23 15.58 -6.94
C MET B 112 -16.91 16.37 -8.05
N ILE B 113 -18.23 16.57 -7.94
CA ILE B 113 -18.93 17.38 -8.91
C ILE B 113 -18.40 18.81 -8.89
N SER B 114 -18.17 19.34 -7.70
CA SER B 114 -17.59 20.68 -7.58
C SER B 114 -16.18 20.81 -8.18
N ARG B 115 -15.33 19.81 -7.99
CA ARG B 115 -13.99 19.86 -8.57
C ARG B 115 -14.06 19.82 -10.08
N ILE B 116 -14.89 18.94 -10.65
CA ILE B 116 -15.09 18.91 -12.09
C ILE B 116 -15.66 20.25 -12.63
N GLU B 117 -16.60 20.84 -11.90
CA GLU B 117 -17.17 22.14 -12.26
C GLU B 117 -16.09 23.20 -12.31
N TYR B 118 -15.18 23.16 -11.36
CA TYR B 118 -14.09 24.13 -11.30
C TYR B 118 -13.16 24.02 -12.49
N ILE B 119 -12.79 22.79 -12.85
CA ILE B 119 -11.93 22.58 -13.99
C ILE B 119 -12.63 23.12 -15.25
N HIS B 120 -13.91 22.82 -15.39
CA HIS B 120 -14.71 23.34 -16.51
C HIS B 120 -14.78 24.85 -16.53
N SER B 121 -14.84 25.45 -15.35
CA SER B 121 -14.92 26.89 -15.25
C SER B 121 -13.62 27.54 -15.73
N LYS B 122 -12.52 26.78 -15.72
CA LYS B 122 -11.24 27.24 -16.18
C LYS B 122 -10.95 26.72 -17.59
N ASN B 123 -12.02 26.30 -18.27
CA ASN B 123 -12.04 26.03 -19.71
C ASN B 123 -11.49 24.70 -20.18
N PHE B 124 -11.22 23.78 -19.24
CA PHE B 124 -10.68 22.48 -19.56
C PHE B 124 -11.66 21.37 -19.19
N ILE B 125 -11.60 20.28 -19.95
CA ILE B 125 -12.16 19.00 -19.53
C ILE B 125 -10.98 18.10 -19.09
N HIS B 126 -11.25 17.27 -18.09
CA HIS B 126 -10.22 16.44 -17.47
C HIS B 126 -9.92 15.22 -18.37
N ARG B 127 -10.97 14.55 -18.80
CA ARG B 127 -10.95 13.36 -19.63
C ARG B 127 -10.46 12.04 -19.04
N ASP B 128 -10.09 12.03 -17.77
CA ASP B 128 -9.78 10.76 -17.10
C ASP B 128 -10.21 10.76 -15.64
N VAL B 129 -11.51 10.92 -15.47
CA VAL B 129 -12.14 10.97 -14.18
C VAL B 129 -12.16 9.55 -13.70
N LYS B 130 -11.44 9.28 -12.62
CA LYS B 130 -11.32 7.93 -12.08
C LYS B 130 -10.87 8.08 -10.64
N PRO B 131 -11.09 7.03 -9.80
CA PRO B 131 -10.79 7.14 -8.39
C PRO B 131 -9.32 7.45 -8.09
N ASP B 132 -8.41 7.01 -8.93
CA ASP B 132 -6.94 7.27 -8.77
CA ASP B 132 -6.98 7.27 -8.67
C ASP B 132 -6.62 8.76 -8.85
N ASN B 133 -7.49 9.52 -9.53
CA ASN B 133 -7.23 10.96 -9.75
C ASN B 133 -7.90 11.89 -8.76
N PHE B 134 -8.47 11.33 -7.71
CA PHE B 134 -8.98 12.13 -6.61
C PHE B 134 -8.23 11.72 -5.38
N LEU B 135 -7.64 12.70 -4.68
CA LEU B 135 -6.84 12.45 -3.49
C LEU B 135 -7.38 13.28 -2.34
N MET B 136 -7.41 12.68 -1.16
CA MET B 136 -7.70 13.44 0.05
C MET B 136 -6.52 14.29 0.41
N GLY B 137 -6.76 15.42 1.04
CA GLY B 137 -5.69 16.27 1.55
C GLY B 137 -5.06 15.70 2.80
N LEU B 138 -4.00 16.36 3.26
CA LEU B 138 -3.33 16.02 4.50
C LEU B 138 -3.65 17.03 5.59
N GLY B 139 -3.62 16.58 6.84
CA GLY B 139 -3.70 17.51 7.97
C GLY B 139 -5.04 18.18 8.09
N LYS B 140 -5.00 19.52 8.19
CA LYS B 140 -6.22 20.33 8.25
C LYS B 140 -7.07 20.23 6.97
N LYS B 141 -6.51 19.72 5.89
CA LYS B 141 -7.23 19.53 4.66
C LYS B 141 -7.61 18.07 4.42
N GLY B 142 -7.58 17.24 5.48
CA GLY B 142 -7.87 15.82 5.38
C GLY B 142 -9.25 15.44 4.84
N ASN B 143 -10.21 16.31 5.03
CA ASN B 143 -11.58 16.08 4.51
C ASN B 143 -11.89 16.75 3.17
N LEU B 144 -10.84 17.29 2.53
CA LEU B 144 -10.98 17.94 1.22
CA LEU B 144 -11.00 17.92 1.22
C LEU B 144 -10.57 16.94 0.14
N VAL B 145 -11.40 16.79 -0.87
CA VAL B 145 -11.09 15.94 -2.02
C VAL B 145 -10.41 16.82 -3.04
N TYR B 146 -9.21 16.41 -3.47
CA TYR B 146 -8.45 17.08 -4.51
C TYR B 146 -8.57 16.32 -5.81
N ILE B 147 -8.43 17.03 -6.92
CA ILE B 147 -8.37 16.39 -8.22
C ILE B 147 -6.97 16.61 -8.77
N ILE B 148 -6.44 15.61 -9.44
CA ILE B 148 -5.10 15.68 -9.99
C ILE B 148 -5.06 15.09 -11.40
N ASP B 149 -3.90 15.35 -12.01
CA ASP B 149 -3.47 14.78 -13.26
C ASP B 149 -4.14 15.44 -14.44
N PHE B 150 -3.43 16.37 -15.06
CA PHE B 150 -3.95 17.10 -16.18
C PHE B 150 -3.30 16.69 -17.49
N GLY B 151 -2.63 15.53 -17.47
CA GLY B 151 -1.96 15.01 -18.64
C GLY B 151 -2.82 14.76 -19.83
N LEU B 152 -4.08 14.37 -19.62
CA LEU B 152 -4.98 14.05 -20.71
C LEU B 152 -6.02 15.14 -20.92
N ALA B 153 -5.95 16.22 -20.14
CA ALA B 153 -6.87 17.29 -20.21
C ALA B 153 -6.77 18.08 -21.50
N LYS B 154 -7.88 18.71 -21.86
CA LYS B 154 -7.95 19.47 -23.08
C LYS B 154 -8.82 20.71 -22.88
N LYS B 155 -8.46 21.80 -23.54
CA LYS B 155 -9.30 22.97 -23.53
C LYS B 155 -10.54 22.69 -24.39
N TYR B 156 -11.73 22.96 -23.84
CA TYR B 156 -13.00 22.68 -24.52
C TYR B 156 -13.69 23.98 -25.03
N ARG B 157 -13.20 25.14 -24.58
CA ARG B 157 -13.76 26.42 -25.01
C ARG B 157 -12.72 27.52 -24.90
N ASP B 158 -12.94 28.60 -25.65
CA ASP B 158 -12.04 29.72 -25.63
C ASP B 158 -12.22 30.48 -24.33
N ALA B 159 -11.11 30.83 -23.70
CA ALA B 159 -11.10 31.47 -22.39
C ALA B 159 -11.81 32.80 -22.40
N ARG B 160 -11.67 33.50 -23.50
CA ARG B 160 -12.22 34.83 -23.64
C ARG B 160 -13.68 34.75 -24.09
N THR B 161 -13.95 34.04 -25.18
CA THR B 161 -15.28 34.05 -25.77
C THR B 161 -16.22 32.94 -25.31
N HIS B 162 -15.68 31.88 -24.71
CA HIS B 162 -16.46 30.70 -24.34
C HIS B 162 -17.03 29.94 -25.54
N GLN B 163 -16.42 30.19 -26.70
CA GLN B 163 -16.80 29.45 -27.91
C GLN B 163 -16.32 28.04 -27.70
N HIS B 164 -17.26 27.10 -27.77
CA HIS B 164 -17.00 25.72 -27.47
C HIS B 164 -16.31 25.11 -28.65
N ILE B 165 -15.36 24.21 -28.38
CA ILE B 165 -14.71 23.48 -29.46
C ILE B 165 -15.75 22.79 -30.35
N PRO B 166 -15.41 22.58 -31.63
CA PRO B 166 -16.38 21.96 -32.53
C PRO B 166 -16.58 20.48 -32.28
N TYR B 167 -17.77 20.02 -32.60
CA TYR B 167 -18.05 18.59 -32.63
C TYR B 167 -17.05 17.91 -33.57
N ARG B 168 -16.64 16.71 -33.18
CA ARG B 168 -15.74 15.91 -33.99
C ARG B 168 -16.00 14.45 -33.67
N GLU B 169 -15.88 13.57 -34.68
CA GLU B 169 -16.01 12.12 -34.50
C GLU B 169 -14.72 11.38 -34.82
N ASN B 170 -14.77 10.05 -34.74
CA ASN B 170 -13.65 9.19 -35.07
C ASN B 170 -12.42 9.44 -34.18
N LYS B 171 -12.65 9.85 -32.93
CA LYS B 171 -11.55 10.08 -32.02
C LYS B 171 -11.13 8.76 -31.39
N ASN B 172 -9.84 8.60 -31.14
CA ASN B 172 -9.37 7.47 -30.35
C ASN B 172 -9.72 7.66 -28.86
N LEU B 173 -9.84 6.55 -28.14
CA LEU B 173 -10.09 6.55 -26.71
C LEU B 173 -9.01 7.33 -25.96
N THR B 174 -9.44 8.31 -25.18
CA THR B 174 -8.57 9.04 -24.23
C THR B 174 -9.17 8.79 -22.85
N GLY B 175 -8.33 8.34 -21.91
CA GLY B 175 -8.76 7.97 -20.55
C GLY B 175 -9.09 6.50 -20.42
N THR B 176 -9.56 6.13 -19.24
CA THR B 176 -9.73 4.76 -18.84
C THR B 176 -11.00 4.17 -19.43
N ALA B 177 -10.90 3.01 -20.06
CA ALA B 177 -12.08 2.43 -20.67
C ALA B 177 -13.18 2.09 -19.64
N ARG B 178 -12.79 1.63 -18.46
CA ARG B 178 -13.79 1.27 -17.46
C ARG B 178 -14.74 2.43 -17.15
N TYR B 179 -14.22 3.66 -17.07
CA TYR B 179 -15.06 4.79 -16.71
C TYR B 179 -15.50 5.70 -17.88
N ALA B 180 -15.18 5.32 -19.12
CA ALA B 180 -15.40 6.22 -20.27
C ALA B 180 -16.89 6.37 -20.51
N SER B 181 -17.31 7.53 -21.02
CA SER B 181 -18.70 7.70 -21.40
C SER B 181 -19.00 6.84 -22.64
N ILE B 182 -20.27 6.52 -22.82
CA ILE B 182 -20.71 5.79 -24.03
C ILE B 182 -20.29 6.56 -25.29
N ASN B 183 -20.49 7.86 -25.33
CA ASN B 183 -20.05 8.61 -26.49
C ASN B 183 -18.56 8.58 -26.71
N THR B 184 -17.79 8.47 -25.65
CA THR B 184 -16.35 8.33 -25.82
C THR B 184 -16.01 7.02 -26.51
N HIS B 185 -16.67 5.94 -26.12
CA HIS B 185 -16.55 4.64 -26.82
C HIS B 185 -16.96 4.71 -28.29
N LEU B 186 -17.91 5.56 -28.63
CA LEU B 186 -18.39 5.72 -29.97
C LEU B 186 -17.52 6.66 -30.80
N GLY B 187 -16.42 7.15 -30.22
CA GLY B 187 -15.51 8.03 -30.93
C GLY B 187 -15.85 9.50 -30.97
N ILE B 188 -16.81 9.97 -30.17
CA ILE B 188 -17.16 11.37 -30.18
CA ILE B 188 -17.19 11.37 -30.16
C ILE B 188 -16.19 12.19 -29.32
N GLU B 189 -15.82 13.34 -29.82
CA GLU B 189 -14.98 14.32 -29.09
C GLU B 189 -15.56 14.48 -27.68
N GLN B 190 -14.71 14.43 -26.66
CA GLN B 190 -15.20 14.53 -25.27
C GLN B 190 -15.55 15.98 -24.96
N SER B 191 -16.57 16.19 -24.11
CA SER B 191 -16.94 17.52 -23.64
C SER B 191 -17.28 17.43 -22.14
N ARG B 192 -17.90 18.48 -21.61
CA ARG B 192 -18.16 18.54 -20.17
C ARG B 192 -19.04 17.40 -19.70
N ARG B 193 -20.01 17.02 -20.53
CA ARG B 193 -20.92 15.91 -20.20
C ARG B 193 -20.17 14.61 -19.89
N ASP B 194 -19.04 14.37 -20.59
CA ASP B 194 -18.33 13.11 -20.50
C ASP B 194 -17.59 12.95 -19.19
N ASP B 195 -17.01 14.06 -18.69
CA ASP B 195 -16.45 14.07 -17.36
C ASP B 195 -17.50 13.67 -16.31
N LEU B 196 -18.69 14.23 -16.43
CA LEU B 196 -19.74 13.99 -15.45
C LEU B 196 -20.31 12.57 -15.56
N GLU B 197 -20.47 12.08 -16.79
CA GLU B 197 -20.87 10.67 -16.96
C GLU B 197 -19.87 9.68 -16.35
N SER B 198 -18.57 9.93 -16.60
CA SER B 198 -17.52 9.13 -16.01
C SER B 198 -17.63 9.17 -14.49
N LEU B 199 -17.84 10.36 -13.93
CA LEU B 199 -18.09 10.43 -12.52
C LEU B 199 -19.25 9.53 -12.06
N GLY B 200 -20.35 9.51 -12.79
CA GLY B 200 -21.43 8.62 -12.45
C GLY B 200 -21.06 7.16 -12.38
N TYR B 201 -20.23 6.71 -13.32
CA TYR B 201 -19.71 5.32 -13.26
C TYR B 201 -18.81 5.12 -12.04
N VAL B 202 -17.98 6.11 -11.72
CA VAL B 202 -17.16 6.07 -10.53
C VAL B 202 -18.03 5.87 -9.25
N LEU B 203 -19.10 6.67 -9.13
CA LEU B 203 -20.00 6.56 -7.98
C LEU B 203 -20.67 5.20 -7.92
N MET B 204 -21.07 4.66 -9.06
CA MET B 204 -21.67 3.33 -9.05
C MET B 204 -20.65 2.24 -8.72
N TYR B 205 -19.42 2.41 -9.21
CA TYR B 205 -18.29 1.58 -8.78
C TYR B 205 -18.11 1.54 -7.27
N PHE B 206 -18.14 2.69 -6.63
CA PHE B 206 -18.05 2.77 -5.20
C PHE B 206 -19.21 2.06 -4.49
N ASN B 207 -20.41 2.20 -5.04
CA ASN B 207 -21.59 1.54 -4.45
C ASN B 207 -21.53 0.04 -4.57
N LEU B 208 -21.20 -0.44 -5.76
CA LEU B 208 -21.24 -1.84 -6.13
C LEU B 208 -20.01 -2.63 -5.73
N GLY B 209 -18.84 -1.98 -5.72
CA GLY B 209 -17.54 -2.62 -5.55
C GLY B 209 -16.84 -2.98 -6.85
N SER B 210 -17.59 -3.05 -7.95
CA SER B 210 -17.07 -3.24 -9.28
C SER B 210 -18.15 -2.82 -10.27
N LEU B 211 -17.82 -2.80 -11.56
CA LEU B 211 -18.80 -2.48 -12.59
C LEU B 211 -19.02 -3.73 -13.43
N PRO B 212 -20.19 -3.85 -14.08
CA PRO B 212 -20.50 -5.06 -14.87
C PRO B 212 -19.59 -5.29 -16.05
N TRP B 213 -18.91 -4.25 -16.50
CA TRP B 213 -17.98 -4.37 -17.64
C TRP B 213 -16.52 -4.46 -17.20
N GLN B 214 -16.31 -4.59 -15.92
CA GLN B 214 -14.98 -4.82 -15.36
C GLN B 214 -14.71 -6.33 -15.35
N GLY B 215 -13.45 -6.71 -15.53
CA GLY B 215 -13.03 -8.10 -15.42
C GLY B 215 -13.38 -8.97 -16.62
N LEU B 216 -13.67 -8.34 -17.76
CA LEU B 216 -13.89 -9.10 -18.99
C LEU B 216 -12.52 -9.45 -19.61
N LYS B 217 -12.44 -10.65 -20.19
CA LYS B 217 -11.15 -11.22 -20.59
C LYS B 217 -10.90 -11.10 -22.10
N ALA B 218 -9.65 -11.25 -22.49
CA ALA B 218 -9.25 -11.22 -23.91
C ALA B 218 -7.83 -11.79 -24.09
N ARG B 222 -7.44 -4.01 -29.17
CA ARG B 222 -7.93 -4.89 -28.12
C ARG B 222 -9.40 -5.25 -28.34
N GLN B 223 -9.69 -6.55 -28.33
CA GLN B 223 -11.08 -7.00 -28.24
C GLN B 223 -11.61 -6.71 -26.83
N LYS B 224 -10.70 -6.39 -25.89
CA LYS B 224 -11.09 -6.00 -24.54
C LYS B 224 -11.85 -4.69 -24.53
N TYR B 225 -11.30 -3.62 -25.10
CA TYR B 225 -12.02 -2.35 -25.22
CA TYR B 225 -12.03 -2.36 -25.18
C TYR B 225 -13.37 -2.58 -25.89
N GLU B 226 -13.38 -3.47 -26.87
CA GLU B 226 -14.58 -3.79 -27.61
C GLU B 226 -15.63 -4.42 -26.71
N ARG B 227 -15.22 -5.43 -25.98
CA ARG B 227 -16.06 -6.11 -25.03
C ARG B 227 -16.57 -5.15 -23.93
N ILE B 228 -15.70 -4.24 -23.47
CA ILE B 228 -16.12 -3.27 -22.44
C ILE B 228 -17.20 -2.38 -23.02
N SER B 229 -16.93 -1.87 -24.22
CA SER B 229 -17.86 -1.01 -24.93
C SER B 229 -19.23 -1.65 -25.12
N GLU B 230 -19.25 -2.89 -25.59
CA GLU B 230 -20.51 -3.59 -25.85
C GLU B 230 -21.28 -3.87 -24.57
N LYS B 231 -20.57 -4.22 -23.52
CA LYS B 231 -21.23 -4.56 -22.25
C LYS B 231 -21.80 -3.28 -21.62
N LYS B 232 -21.02 -2.21 -21.71
CA LYS B 232 -21.49 -0.94 -21.20
C LYS B 232 -22.72 -0.48 -21.97
N MET B 233 -22.74 -0.68 -23.30
CA MET B 233 -23.85 -0.21 -24.11
C MET B 233 -25.08 -1.08 -23.97
N SER B 234 -24.89 -2.32 -23.55
CA SER B 234 -26.01 -3.23 -23.38
C SER B 234 -26.48 -3.34 -21.93
N THR B 235 -25.97 -2.51 -21.02
CA THR B 235 -26.36 -2.58 -19.61
C THR B 235 -27.19 -1.34 -19.33
N PRO B 236 -28.53 -1.47 -19.24
CA PRO B 236 -29.31 -0.28 -18.97
C PRO B 236 -28.97 0.35 -17.62
N ILE B 237 -29.06 1.67 -17.56
CA ILE B 237 -28.81 2.39 -16.31
C ILE B 237 -29.61 1.82 -15.16
N GLU B 238 -30.85 1.42 -15.45
CA GLU B 238 -31.76 0.91 -14.43
C GLU B 238 -31.31 -0.44 -13.89
N VAL B 239 -30.64 -1.22 -14.74
CA VAL B 239 -30.07 -2.50 -14.31
C VAL B 239 -28.80 -2.24 -13.51
N LEU B 240 -27.97 -1.35 -14.02
CA LEU B 240 -26.74 -0.97 -13.35
C LEU B 240 -27.00 -0.50 -11.93
N CYS B 241 -28.04 0.33 -11.76
CA CYS B 241 -28.29 1.03 -10.52
C CYS B 241 -29.32 0.36 -9.60
N LYS B 242 -29.74 -0.84 -9.96
CA LYS B 242 -30.84 -1.46 -9.23
C LYS B 242 -30.41 -1.75 -7.79
N GLY B 243 -31.32 -1.52 -6.85
CA GLY B 243 -30.97 -1.76 -5.48
C GLY B 243 -30.34 -0.56 -4.80
N TYR B 244 -30.05 0.52 -5.54
CA TYR B 244 -29.51 1.77 -4.95
C TYR B 244 -30.49 2.90 -5.13
N PRO B 245 -30.34 3.98 -4.36
CA PRO B 245 -31.24 5.10 -4.52
C PRO B 245 -31.31 5.58 -5.98
N SER B 246 -32.52 6.00 -6.35
CA SER B 246 -32.89 6.41 -7.70
C SER B 246 -32.03 7.57 -8.19
N GLU B 247 -31.50 8.37 -7.27
CA GLU B 247 -30.64 9.50 -7.60
C GLU B 247 -29.46 9.10 -8.51
N PHE B 248 -28.94 7.89 -8.33
CA PHE B 248 -27.76 7.50 -9.14
C PHE B 248 -28.13 7.27 -10.62
N ALA B 249 -29.29 6.66 -10.85
CA ALA B 249 -29.86 6.50 -12.19
C ALA B 249 -30.28 7.85 -12.72
N THR B 250 -30.84 8.71 -11.88
CA THR B 250 -31.24 10.03 -12.35
C THR B 250 -30.02 10.84 -12.81
N TYR B 251 -28.95 10.76 -12.04
CA TYR B 251 -27.68 11.40 -12.34
C TYR B 251 -27.16 10.90 -13.70
N LEU B 252 -27.06 9.58 -13.85
CA LEU B 252 -26.55 9.00 -15.10
C LEU B 252 -27.39 9.32 -16.31
N ASN B 253 -28.73 9.21 -16.19
CA ASN B 253 -29.59 9.61 -17.29
C ASN B 253 -29.45 11.09 -17.67
N PHE B 254 -29.33 11.98 -16.68
CA PHE B 254 -29.15 13.38 -16.95
C PHE B 254 -27.87 13.62 -17.79
N CYS B 255 -26.76 12.99 -17.37
CA CYS B 255 -25.49 13.19 -18.04
C CYS B 255 -25.57 12.66 -19.47
N ARG B 256 -26.19 11.50 -19.62
CA ARG B 256 -26.32 10.87 -20.94
CA ARG B 256 -26.36 10.85 -20.92
C ARG B 256 -27.21 11.69 -21.86
N SER B 257 -28.14 12.49 -21.31
CA SER B 257 -29.02 13.35 -22.13
C SER B 257 -28.43 14.69 -22.54
N LEU B 258 -27.32 15.12 -21.93
CA LEU B 258 -26.69 16.39 -22.30
C LEU B 258 -26.22 16.39 -23.75
N ARG B 259 -26.41 17.53 -24.40
CA ARG B 259 -25.87 17.76 -25.74
C ARG B 259 -24.39 18.04 -25.67
N PHE B 260 -23.72 17.80 -26.79
CA PHE B 260 -22.28 17.96 -26.86
C PHE B 260 -21.79 19.25 -26.22
N ASP B 261 -22.35 20.39 -26.58
CA ASP B 261 -21.88 21.66 -26.06
C ASP B 261 -22.65 22.19 -24.88
N ASP B 262 -23.58 21.42 -24.31
CA ASP B 262 -24.38 21.90 -23.17
C ASP B 262 -23.52 22.21 -21.97
N LYS B 263 -23.82 23.29 -21.28
CA LYS B 263 -23.30 23.51 -19.95
C LYS B 263 -24.13 22.64 -18.99
N PRO B 264 -23.50 21.71 -18.31
CA PRO B 264 -24.21 20.91 -17.37
C PRO B 264 -24.78 21.73 -16.22
N ASP B 265 -25.95 21.30 -15.72
CA ASP B 265 -26.49 21.89 -14.47
C ASP B 265 -25.86 21.21 -13.27
N TYR B 266 -24.66 21.64 -12.92
CA TYR B 266 -23.93 21.09 -11.79
C TYR B 266 -24.67 21.23 -10.48
N SER B 267 -25.28 22.38 -10.31
CA SER B 267 -26.07 22.64 -9.09
C SER B 267 -27.26 21.66 -8.90
N TYR B 268 -27.96 21.35 -9.98
CA TYR B 268 -29.01 20.32 -9.97
C TYR B 268 -28.43 18.96 -9.56
N LEU B 269 -27.30 18.59 -10.17
CA LEU B 269 -26.69 17.30 -9.86
C LEU B 269 -26.22 17.19 -8.38
N ARG B 270 -25.56 18.22 -7.85
CA ARG B 270 -25.24 18.25 -6.44
C ARG B 270 -26.47 18.19 -5.60
N GLN B 271 -27.53 18.89 -5.99
CA GLN B 271 -28.76 18.92 -5.16
C GLN B 271 -29.45 17.57 -5.10
N LEU B 272 -29.34 16.76 -6.14
CA LEU B 272 -29.90 15.46 -6.12
C LEU B 272 -29.38 14.67 -4.95
N PHE B 273 -28.06 14.71 -4.78
CA PHE B 273 -27.42 13.93 -3.77
C PHE B 273 -27.54 14.56 -2.40
N ARG B 274 -27.49 15.90 -2.32
CA ARG B 274 -27.66 16.61 -1.03
C ARG B 274 -29.05 16.33 -0.42
N ASN B 275 -30.05 16.37 -1.29
CA ASN B 275 -31.44 16.07 -0.83
C ASN B 275 -31.55 14.66 -0.29
N LEU B 276 -31.03 13.68 -1.04
CA LEU B 276 -30.93 12.31 -0.59
C LEU B 276 -30.16 12.16 0.76
N PHE B 277 -29.04 12.87 0.90
CA PHE B 277 -28.18 12.82 2.09
C PHE B 277 -29.00 13.18 3.33
N HIS B 278 -29.74 14.26 3.19
CA HIS B 278 -30.56 14.76 4.27
C HIS B 278 -31.83 13.94 4.49
N ARG B 279 -32.41 13.36 3.44
CA ARG B 279 -33.57 12.46 3.61
CA ARG B 279 -33.56 12.47 3.61
C ARG B 279 -33.14 11.18 4.35
N GLN B 280 -31.90 10.76 4.16
CA GLN B 280 -31.33 9.63 4.90
C GLN B 280 -31.02 9.98 6.35
N GLY B 281 -31.10 11.25 6.73
CA GLY B 281 -30.78 11.65 8.09
C GLY B 281 -29.29 11.70 8.41
N PHE B 282 -28.42 11.76 7.40
CA PHE B 282 -26.96 11.84 7.70
C PHE B 282 -26.56 13.26 8.17
N SER B 283 -25.49 13.40 8.95
CA SER B 283 -24.89 14.72 9.28
C SER B 283 -23.72 15.04 8.36
N TYR B 284 -23.68 16.26 7.78
CA TYR B 284 -22.61 16.69 6.86
C TYR B 284 -21.43 17.11 7.75
N ASP B 285 -20.81 16.08 8.34
CA ASP B 285 -19.70 16.21 9.31
C ASP B 285 -18.34 15.72 8.77
N TYR B 286 -18.26 15.37 7.49
CA TYR B 286 -17.02 14.85 6.88
C TYR B 286 -16.38 13.66 7.65
N VAL B 287 -17.22 12.78 8.16
CA VAL B 287 -16.77 11.52 8.71
C VAL B 287 -16.95 10.46 7.63
N PHE B 288 -15.82 10.07 7.03
CA PHE B 288 -15.82 9.10 5.95
C PHE B 288 -15.59 7.69 6.47
N ASP B 289 -15.74 6.69 5.59
CA ASP B 289 -15.64 5.28 5.95
C ASP B 289 -14.24 4.96 6.49
N TRP B 290 -13.25 5.71 6.04
CA TRP B 290 -11.86 5.46 6.48
C TRP B 290 -11.41 6.33 7.66
N ASN B 291 -12.35 6.83 8.45
CA ASN B 291 -12.07 7.76 9.57
CA ASN B 291 -11.98 7.81 9.49
C ASN B 291 -11.05 7.25 10.60
N MET B 292 -10.95 5.93 10.72
CA MET B 292 -9.97 5.33 11.67
C MET B 292 -8.51 5.61 11.28
N LEU B 293 -8.26 5.92 10.00
CA LEU B 293 -6.97 6.40 9.53
C LEU B 293 -6.77 7.85 9.93
N LYS B 294 -5.67 8.19 10.58
CA LYS B 294 -5.49 9.54 11.11
C LYS B 294 -4.47 10.35 10.33
N PHE B 295 -4.73 10.49 9.02
CA PHE B 295 -3.89 11.33 8.16
C PHE B 295 -4.42 12.75 8.07
#